data_2A42
#
_entry.id   2A42
#
_cell.length_a   152.729
_cell.length_b   41.484
_cell.length_c   117.905
_cell.angle_alpha   90.00
_cell.angle_beta   109.28
_cell.angle_gamma   90.00
#
_symmetry.space_group_name_H-M   'C 1 2 1'
#
loop_
_entity.id
_entity.type
_entity.pdbx_description
1 polymer 'Actin, alpha skeletal muscle'
2 polymer Deoxyribonuclease-1
3 branched 2-acetamido-2-deoxy-beta-D-glucopyranose-(1-4)-2-acetamido-2-deoxy-beta-D-glucopyranose
4 non-polymer 'CALCIUM ION'
5 non-polymer "ADENOSINE-5'-TRIPHOSPHATE"
6 non-polymer GLYCEROL
7 non-polymer 'MAGNESIUM ION'
8 water water
#
loop_
_entity_poly.entity_id
_entity_poly.type
_entity_poly.pdbx_seq_one_letter_code
_entity_poly.pdbx_strand_id
1 'polypeptide(L)'
;DEDETTALVCDNGSGLVKAGFAGDDAPRAVFPSIVGRPRHQGVMVGMGQKDSYVGDEAQSKRGILTLKYPIE(HIC)GII
TNWDDMEKIWHHTFYNELRVAPEEHPTLLTEAPLNPKANREKMTQIMFETFNVPAMYVAIQAVLSLYASGRTTGIVLDSG
DGVTHNVPIYEGYALPHAIMRLDLAGRDLTDYLMKILTERGYSFVTTAEREIVRDIKEKLCYVALDFENEMATAASSSSL
EKSYELPDGQVITIGNERFRCPETLFQPSFIGMESAGIHETTYNSIMKCDIDIRKDLYANNVMSGGTTMYPGIADRMQKE
ITALAPSTMKIKIIAPPERKYSVWIGGSILASLSTFQQMWITKQEYDEAGPSIVHRKCF
;
A
2 'polypeptide(L)'
;LKIAAFNIRTFGETKMSNATLASYIVRIVRRYDIVLIQEVRDSHLVAVGKLLDYLNQDDPNTYHYVVSEPLGRNSYKERY
LFLFRPNKVSVLDTYQYDDGCESCGNDSFSREPAVVKFSSHSTKVKEFAIVALHSAPSDAVAEINSLYDVYLDVQQKWHL
NDVMLMGDFNADCSYVTSSQWSSIRLRTSSTFQWLIPDSADTTATSTNCAYDRIVVAGSLLQSSVVPGSAAPFDFQAAYG
LSNEMALAISDHYPVEVTLT
;
B
#
# COMPACT_ATOMS: atom_id res chain seq x y z
N THR A 5 4.17 -30.35 -13.54
CA THR A 5 4.44 -30.23 -15.00
C THR A 5 3.70 -29.03 -15.60
N THR A 6 2.81 -28.41 -14.84
CA THR A 6 2.13 -27.24 -15.39
C THR A 6 3.13 -26.11 -15.46
N ALA A 7 3.20 -25.47 -16.62
CA ALA A 7 4.10 -24.34 -16.79
C ALA A 7 3.58 -23.13 -16.02
N LEU A 8 4.48 -22.28 -15.54
CA LEU A 8 4.07 -20.99 -14.96
C LEU A 8 4.27 -19.90 -15.98
N VAL A 9 3.42 -18.87 -15.91
CA VAL A 9 3.55 -17.69 -16.77
C VAL A 9 3.65 -16.45 -15.86
N CYS A 10 4.77 -15.76 -15.95
CA CYS A 10 4.97 -14.55 -15.17
CA CYS A 10 5.00 -14.54 -15.18
C CYS A 10 5.24 -13.35 -16.08
N ASP A 11 4.36 -12.36 -16.00
CA ASP A 11 4.44 -11.15 -16.82
C ASP A 11 4.71 -9.99 -15.85
N ASN A 12 5.99 -9.64 -15.76
CA ASN A 12 6.44 -8.59 -14.86
CA ASN A 12 6.41 -8.59 -14.84
C ASN A 12 6.41 -7.21 -15.51
N GLY A 13 5.62 -6.31 -14.94
CA GLY A 13 5.45 -4.94 -15.44
C GLY A 13 6.01 -3.90 -14.47
N SER A 14 6.07 -2.67 -14.93
CA SER A 14 6.58 -1.52 -14.15
C SER A 14 5.71 -1.31 -12.88
N GLY A 15 4.42 -1.60 -13.01
CA GLY A 15 3.48 -1.33 -11.90
C GLY A 15 2.95 -2.59 -11.25
N LEU A 16 2.64 -3.61 -12.06
CA LEU A 16 2.00 -4.85 -11.61
C LEU A 16 2.69 -6.13 -12.10
N VAL A 17 2.76 -7.14 -11.22
CA VAL A 17 3.10 -8.50 -11.65
C VAL A 17 1.79 -9.21 -11.98
N LYS A 18 1.73 -9.85 -13.15
CA LYS A 18 0.65 -10.77 -13.48
C LYS A 18 1.27 -12.15 -13.57
N ALA A 19 0.85 -13.04 -12.69
CA ALA A 19 1.39 -14.40 -12.60
C ALA A 19 0.31 -15.45 -12.48
N GLY A 20 0.60 -16.63 -13.01
CA GLY A 20 -0.37 -17.72 -12.94
C GLY A 20 0.11 -18.97 -13.63
N PHE A 21 -0.83 -19.86 -13.92
CA PHE A 21 -0.51 -21.15 -14.50
C PHE A 21 -0.96 -21.19 -15.95
N ALA A 22 -0.10 -21.75 -16.79
CA ALA A 22 -0.36 -21.82 -18.21
C ALA A 22 -1.57 -22.72 -18.45
N GLY A 23 -2.42 -22.29 -19.37
CA GLY A 23 -3.70 -22.96 -19.58
C GLY A 23 -4.84 -22.33 -18.81
N ASP A 24 -4.54 -21.52 -17.79
CA ASP A 24 -5.61 -20.76 -17.12
C ASP A 24 -5.98 -19.58 -18.01
N ASP A 25 -7.21 -19.09 -17.86
CA ASP A 25 -7.64 -18.03 -18.74
C ASP A 25 -7.39 -16.63 -18.18
N ALA A 26 -6.97 -16.57 -16.91
CA ALA A 26 -6.59 -15.30 -16.31
C ALA A 26 -5.45 -15.50 -15.29
N PRO A 27 -4.62 -14.47 -15.05
CA PRO A 27 -3.63 -14.65 -13.99
C PRO A 27 -4.25 -14.88 -12.61
N ARG A 28 -3.65 -15.78 -11.84
CA ARG A 28 -4.09 -16.03 -10.48
C ARG A 28 -3.67 -14.92 -9.52
N ALA A 29 -2.52 -14.32 -9.78
CA ALA A 29 -1.96 -13.34 -8.86
C ALA A 29 -1.66 -12.07 -9.62
N VAL A 30 -2.20 -10.95 -9.16
CA VAL A 30 -1.87 -9.64 -9.75
C VAL A 30 -1.61 -8.71 -8.59
N PHE A 31 -0.43 -8.11 -8.54
CA PHE A 31 0.00 -7.37 -7.35
C PHE A 31 1.09 -6.37 -7.71
N PRO A 32 1.26 -5.32 -6.92
CA PRO A 32 2.21 -4.28 -7.28
C PRO A 32 3.65 -4.74 -7.29
N SER A 33 4.39 -4.25 -8.30
CA SER A 33 5.81 -4.58 -8.48
CA SER A 33 5.79 -4.61 -8.45
C SER A 33 6.65 -3.68 -7.59
N ILE A 34 6.55 -3.87 -6.27
CA ILE A 34 7.15 -2.98 -5.30
CA ILE A 34 7.26 -2.99 -5.36
C ILE A 34 7.81 -3.84 -4.22
N VAL A 35 8.97 -3.41 -3.71
CA VAL A 35 9.64 -4.05 -2.57
C VAL A 35 9.86 -2.91 -1.59
N GLY A 36 9.51 -3.12 -0.32
CA GLY A 36 9.65 -2.07 0.67
C GLY A 36 10.41 -2.59 1.88
N ARG A 37 11.38 -1.81 2.36
CA ARG A 37 12.14 -2.16 3.55
C ARG A 37 11.86 -1.12 4.63
N PRO A 38 11.66 -1.57 5.87
CA PRO A 38 11.29 -0.66 6.96
C PRO A 38 12.37 0.40 7.15
N ARG A 39 11.97 1.64 7.37
CA ARG A 39 12.89 2.76 7.59
C ARG A 39 13.38 2.81 9.03
N HIS A 40 12.69 2.08 9.92
CA HIS A 40 13.00 2.09 11.35
C HIS A 40 12.91 0.66 11.88
N GLN A 41 13.43 0.45 13.09
CA GLN A 41 13.47 -0.86 13.72
C GLN A 41 12.24 -1.07 14.57
N GLY A 42 11.47 -2.11 14.28
CA GLY A 42 10.30 -2.43 15.13
C GLY A 42 9.59 -3.63 14.55
N VAL A 43 8.46 -4.02 15.15
CA VAL A 43 7.73 -5.19 14.69
C VAL A 43 6.25 -4.89 14.67
N MET A 44 5.50 -5.67 13.88
CA MET A 44 4.03 -5.72 13.98
C MET A 44 3.74 -6.67 15.15
N VAL A 45 2.70 -6.37 15.93
CA VAL A 45 2.37 -7.21 17.08
C VAL A 45 2.25 -8.68 16.68
N GLY A 46 2.95 -9.53 17.42
CA GLY A 46 2.93 -10.99 17.23
C GLY A 46 3.82 -11.46 16.10
N MET A 47 4.57 -10.53 15.50
CA MET A 47 5.47 -10.87 14.38
C MET A 47 6.92 -10.62 14.72
N GLY A 48 7.83 -11.28 14.01
CA GLY A 48 9.25 -10.96 14.13
C GLY A 48 9.65 -9.81 13.22
N GLN A 49 10.88 -9.32 13.39
CA GLN A 49 11.35 -8.22 12.54
C GLN A 49 11.37 -8.74 11.09
N LYS A 50 10.81 -7.97 10.16
CA LYS A 50 10.82 -8.31 8.73
C LYS A 50 11.90 -7.53 8.01
N ASP A 51 12.62 -8.20 7.10
CA ASP A 51 13.61 -7.53 6.26
C ASP A 51 12.95 -6.71 5.14
N SER A 52 11.87 -7.21 4.55
CA SER A 52 11.19 -6.48 3.47
C SER A 52 9.79 -7.04 3.25
N TYR A 53 8.96 -6.25 2.60
CA TYR A 53 7.63 -6.66 2.19
C TYR A 53 7.57 -6.54 0.68
N VAL A 54 6.79 -7.41 0.04
CA VAL A 54 6.63 -7.29 -1.42
C VAL A 54 5.14 -7.19 -1.75
N GLY A 55 4.79 -6.39 -2.75
CA GLY A 55 3.46 -6.45 -3.32
C GLY A 55 2.45 -5.74 -2.46
N ASP A 56 1.26 -6.32 -2.30
CA ASP A 56 0.16 -5.64 -1.62
C ASP A 56 0.57 -5.22 -0.22
N GLU A 57 1.28 -6.08 0.51
CA GLU A 57 1.60 -5.75 1.91
C GLU A 57 2.56 -4.56 1.97
N ALA A 58 3.47 -4.44 0.98
CA ALA A 58 4.36 -3.30 0.92
C ALA A 58 3.57 -2.00 0.68
N GLN A 59 2.55 -2.06 -0.16
CA GLN A 59 1.77 -0.85 -0.45
C GLN A 59 0.97 -0.44 0.80
N SER A 60 0.42 -1.42 1.49
CA SER A 60 -0.47 -1.09 2.59
C SER A 60 0.31 -0.73 3.86
N LYS A 61 1.60 -1.05 3.91
CA LYS A 61 2.50 -0.66 5.02
C LYS A 61 3.51 0.41 4.63
N ARG A 62 3.30 1.05 3.48
CA ARG A 62 4.33 1.88 2.87
C ARG A 62 4.79 3.06 3.73
N GLY A 63 3.93 3.51 4.66
CA GLY A 63 4.29 4.65 5.49
C GLY A 63 5.51 4.45 6.36
N ILE A 64 5.84 3.20 6.70
CA ILE A 64 7.03 2.96 7.49
C ILE A 64 8.12 2.25 6.70
N LEU A 65 7.97 2.25 5.36
CA LEU A 65 8.91 1.62 4.45
C LEU A 65 9.54 2.64 3.51
N THR A 66 10.66 2.24 2.91
CA THR A 66 11.11 2.83 1.64
C THR A 66 10.79 1.89 0.49
N LEU A 67 10.08 2.38 -0.51
CA LEU A 67 9.62 1.50 -1.58
C LEU A 67 10.59 1.59 -2.75
N LYS A 68 10.84 0.45 -3.38
CA LYS A 68 11.62 0.37 -4.61
C LYS A 68 10.78 -0.31 -5.68
N TYR A 69 10.92 0.16 -6.90
CA TYR A 69 10.25 -0.40 -8.06
C TYR A 69 11.34 -0.98 -8.96
N PRO A 70 11.51 -2.31 -8.97
CA PRO A 70 12.67 -2.92 -9.65
C PRO A 70 12.56 -2.85 -11.15
N ILE A 71 11.35 -2.55 -11.63
CA ILE A 71 11.10 -2.45 -13.07
C ILE A 71 10.74 -1.03 -13.46
N GLU A 72 11.58 -0.42 -14.30
CA GLU A 72 11.44 0.97 -14.71
C GLU A 72 11.19 1.06 -16.21
N GLY A 74 9.38 -0.56 -17.92
CA GLY A 74 9.29 -1.93 -18.43
C GLY A 74 10.58 -2.72 -18.35
N ILE A 75 11.69 -2.07 -18.02
CA ILE A 75 12.97 -2.76 -18.00
C ILE A 75 13.40 -3.04 -16.56
N ILE A 76 13.92 -4.23 -16.28
CA ILE A 76 14.41 -4.55 -14.91
C ILE A 76 15.68 -3.78 -14.62
N THR A 77 15.67 -2.97 -13.56
CA THR A 77 16.85 -2.19 -13.24
C THR A 77 17.47 -2.43 -11.85
N ASN A 78 16.80 -3.18 -10.97
CA ASN A 78 17.35 -3.48 -9.65
C ASN A 78 17.20 -5.01 -9.53
N TRP A 79 18.30 -5.75 -9.70
CA TRP A 79 18.24 -7.21 -9.74
C TRP A 79 18.01 -7.87 -8.38
N ASP A 80 18.50 -7.25 -7.33
CA ASP A 80 18.29 -7.79 -6.00
C ASP A 80 16.82 -7.74 -5.62
N ASP A 81 16.16 -6.63 -5.95
CA ASP A 81 14.75 -6.44 -5.64
C ASP A 81 13.89 -7.23 -6.63
N MET A 82 14.34 -7.35 -7.87
CA MET A 82 13.63 -8.25 -8.78
C MET A 82 13.63 -9.69 -8.27
N GLU A 83 14.73 -10.15 -7.69
CA GLU A 83 14.77 -11.50 -7.10
C GLU A 83 13.75 -11.66 -6.01
N LYS A 84 13.63 -10.63 -5.17
CA LYS A 84 12.60 -10.65 -4.11
C LYS A 84 11.19 -10.75 -4.67
N ILE A 85 10.93 -10.05 -5.77
CA ILE A 85 9.62 -10.09 -6.41
C ILE A 85 9.32 -11.49 -6.95
N TRP A 86 10.27 -12.11 -7.64
CA TRP A 86 10.13 -13.47 -8.13
C TRP A 86 9.95 -14.46 -6.98
N HIS A 87 10.71 -14.33 -5.89
CA HIS A 87 10.58 -15.25 -4.76
C HIS A 87 9.18 -15.16 -4.19
N HIS A 88 8.71 -13.93 -4.00
CA HIS A 88 7.36 -13.68 -3.49
C HIS A 88 6.32 -14.27 -4.45
N THR A 89 6.56 -14.11 -5.75
CA THR A 89 5.66 -14.65 -6.75
C THR A 89 5.55 -16.18 -6.63
N PHE A 90 6.68 -16.88 -6.68
CA PHE A 90 6.63 -18.33 -6.55
C PHE A 90 6.09 -18.81 -5.20
N TYR A 91 6.72 -18.35 -4.12
CA TYR A 91 6.46 -18.95 -2.82
C TYR A 91 5.19 -18.46 -2.11
N ASN A 92 4.90 -17.18 -2.23
CA ASN A 92 3.80 -16.54 -1.52
C ASN A 92 2.49 -16.39 -2.24
N GLU A 93 2.57 -16.04 -3.51
CA GLU A 93 1.42 -15.79 -4.36
C GLU A 93 0.90 -17.07 -5.03
N LEU A 94 1.76 -17.79 -5.76
CA LEU A 94 1.35 -18.99 -6.48
C LEU A 94 1.48 -20.22 -5.59
N ARG A 95 2.35 -20.13 -4.58
CA ARG A 95 2.61 -21.21 -3.63
C ARG A 95 3.07 -22.47 -4.36
N VAL A 96 4.03 -22.30 -5.24
CA VAL A 96 4.65 -23.44 -5.94
C VAL A 96 6.14 -23.52 -5.55
N ALA A 97 6.75 -24.69 -5.79
CA ALA A 97 8.20 -24.82 -5.78
C ALA A 97 8.69 -24.63 -7.23
N PRO A 98 9.55 -23.63 -7.44
CA PRO A 98 9.95 -23.24 -8.80
C PRO A 98 10.76 -24.32 -9.51
N GLU A 99 11.45 -25.18 -8.77
CA GLU A 99 12.19 -26.26 -9.44
C GLU A 99 11.29 -27.33 -10.06
N GLU A 100 9.98 -27.21 -9.87
CA GLU A 100 9.02 -28.20 -10.36
C GLU A 100 8.26 -27.76 -11.62
N HIS A 101 8.55 -26.55 -12.09
CA HIS A 101 7.71 -25.94 -13.12
C HIS A 101 8.53 -25.25 -14.20
N PRO A 102 8.31 -25.64 -15.47
CA PRO A 102 8.84 -24.75 -16.51
C PRO A 102 8.21 -23.37 -16.37
N THR A 103 8.98 -22.31 -16.60
CA THR A 103 8.53 -20.93 -16.35
C THR A 103 8.71 -20.05 -17.58
N LEU A 104 7.61 -19.45 -18.05
CA LEU A 104 7.66 -18.45 -19.11
C LEU A 104 7.68 -17.06 -18.47
N LEU A 105 8.68 -16.27 -18.86
CA LEU A 105 8.78 -14.87 -18.43
C LEU A 105 8.61 -13.98 -19.66
N THR A 106 8.31 -12.71 -19.44
CA THR A 106 8.05 -11.79 -20.55
C THR A 106 9.10 -10.70 -20.40
N GLU A 107 9.33 -9.97 -21.48
CA GLU A 107 10.25 -8.83 -21.43
C GLU A 107 9.73 -7.69 -22.32
N ALA A 108 10.26 -6.49 -22.06
CA ALA A 108 9.83 -5.31 -22.78
C ALA A 108 10.45 -5.33 -24.18
N PRO A 109 9.80 -4.64 -25.13
CA PRO A 109 10.37 -4.37 -26.46
C PRO A 109 11.72 -3.70 -26.26
N LEU A 110 12.71 -4.09 -27.06
CA LEU A 110 14.05 -3.50 -26.94
C LEU A 110 14.79 -3.80 -25.63
N ASN A 111 14.45 -4.87 -24.93
CA ASN A 111 15.19 -5.25 -23.72
C ASN A 111 16.60 -5.66 -24.14
N PRO A 112 17.63 -5.07 -23.52
CA PRO A 112 18.97 -5.46 -23.93
C PRO A 112 19.25 -6.95 -23.74
N LYS A 113 20.05 -7.53 -24.64
CA LYS A 113 20.39 -8.95 -24.53
C LYS A 113 21.00 -9.29 -23.17
N ALA A 114 21.83 -8.41 -22.61
CA ALA A 114 22.48 -8.69 -21.32
C ALA A 114 21.45 -8.82 -20.21
N ASN A 115 20.36 -8.07 -20.33
CA ASN A 115 19.25 -8.13 -19.36
C ASN A 115 18.56 -9.50 -19.46
N ARG A 116 18.18 -9.91 -20.67
CA ARG A 116 17.61 -11.25 -20.85
C ARG A 116 18.50 -12.37 -20.33
N GLU A 117 19.82 -12.26 -20.55
CA GLU A 117 20.76 -13.26 -20.04
C GLU A 117 20.79 -13.31 -18.51
N LYS A 118 20.65 -12.15 -17.87
CA LYS A 118 20.65 -12.10 -16.40
C LYS A 118 19.35 -12.70 -15.84
N MET A 119 18.22 -12.40 -16.48
CA MET A 119 16.95 -13.00 -16.12
CA MET A 119 16.95 -13.00 -16.13
C MET A 119 17.08 -14.52 -16.15
N THR A 120 17.66 -15.03 -17.24
CA THR A 120 17.84 -16.47 -17.45
C THR A 120 18.76 -17.08 -16.40
N GLN A 121 19.91 -16.44 -16.15
CA GLN A 121 20.81 -16.91 -15.12
C GLN A 121 20.13 -17.04 -13.75
N ILE A 122 19.39 -16.02 -13.34
CA ILE A 122 18.71 -16.04 -12.04
C ILE A 122 17.71 -17.18 -11.95
N MET A 123 16.89 -17.35 -12.99
CA MET A 123 15.88 -18.41 -12.99
C MET A 123 16.51 -19.79 -12.85
N PHE A 124 17.59 -20.03 -13.58
CA PHE A 124 18.23 -21.35 -13.54
C PHE A 124 19.06 -21.57 -12.28
N GLU A 125 19.78 -20.55 -11.85
CA GLU A 125 20.76 -20.70 -10.79
C GLU A 125 20.22 -20.39 -9.40
N THR A 126 19.32 -19.41 -9.32
CA THR A 126 18.76 -19.07 -8.02
C THR A 126 17.49 -19.87 -7.76
N PHE A 127 16.63 -19.98 -8.75
CA PHE A 127 15.35 -20.65 -8.53
C PHE A 127 15.31 -22.09 -8.99
N ASN A 128 16.35 -22.52 -9.70
CA ASN A 128 16.45 -23.91 -10.16
C ASN A 128 15.26 -24.39 -10.99
N VAL A 129 14.70 -23.53 -11.84
CA VAL A 129 13.59 -23.96 -12.70
C VAL A 129 14.14 -25.01 -13.68
N PRO A 130 13.29 -25.96 -14.11
CA PRO A 130 13.78 -27.04 -14.98
C PRO A 130 13.89 -26.62 -16.45
N ALA A 131 13.11 -25.61 -16.82
CA ALA A 131 13.13 -25.05 -18.17
C ALA A 131 12.60 -23.63 -18.08
N MET A 132 12.95 -22.79 -19.05
CA MET A 132 12.32 -21.49 -19.13
C MET A 132 12.28 -20.94 -20.55
N TYR A 133 11.55 -19.85 -20.71
CA TYR A 133 11.44 -19.20 -22.00
C TYR A 133 11.22 -17.73 -21.75
N VAL A 134 11.80 -16.85 -22.58
CA VAL A 134 11.48 -15.42 -22.45
C VAL A 134 10.83 -14.95 -23.73
N ALA A 135 9.66 -14.34 -23.59
CA ALA A 135 8.90 -13.82 -24.73
C ALA A 135 8.76 -12.30 -24.67
N ILE A 136 8.63 -11.69 -25.84
CA ILE A 136 8.42 -10.25 -25.89
C ILE A 136 6.93 -9.98 -25.61
N GLN A 137 6.67 -9.07 -24.68
CA GLN A 137 5.28 -8.77 -24.26
C GLN A 137 4.36 -8.46 -25.45
N ALA A 138 4.72 -7.51 -26.31
CA ALA A 138 3.85 -7.19 -27.47
C ALA A 138 3.56 -8.37 -28.42
N VAL A 139 4.54 -9.25 -28.62
CA VAL A 139 4.32 -10.43 -29.48
C VAL A 139 3.30 -11.35 -28.85
N LEU A 140 3.35 -11.47 -27.52
CA LEU A 140 2.32 -12.27 -26.82
C LEU A 140 0.90 -11.71 -26.94
N SER A 141 0.76 -10.39 -26.79
CA SER A 141 -0.52 -9.74 -26.99
C SER A 141 -1.03 -10.01 -28.39
N LEU A 142 -0.18 -9.85 -29.40
CA LEU A 142 -0.62 -10.13 -30.79
C LEU A 142 -1.09 -11.57 -30.93
N TYR A 143 -0.29 -12.50 -30.40
CA TYR A 143 -0.61 -13.91 -30.46
C TYR A 143 -1.97 -14.20 -29.81
N ALA A 144 -2.21 -13.55 -28.67
CA ALA A 144 -3.47 -13.74 -27.96
C ALA A 144 -4.69 -13.35 -28.83
N SER A 145 -4.54 -12.34 -29.69
CA SER A 145 -5.58 -11.89 -30.60
C SER A 145 -5.71 -12.77 -31.84
N GLY A 146 -4.89 -13.81 -31.95
CA GLY A 146 -4.99 -14.76 -33.05
C GLY A 146 -4.33 -14.30 -34.33
N ARG A 147 -3.40 -13.35 -34.24
CA ARG A 147 -2.73 -12.81 -35.42
C ARG A 147 -1.23 -12.99 -35.28
N THR A 148 -0.53 -13.08 -36.41
CA THR A 148 0.94 -12.98 -36.42
C THR A 148 1.48 -11.74 -37.14
N THR A 149 0.63 -10.99 -37.83
CA THR A 149 1.01 -9.66 -38.32
C THR A 149 0.12 -8.53 -37.79
N GLY A 150 0.72 -7.47 -37.26
CA GLY A 150 -0.08 -6.33 -36.85
C GLY A 150 0.82 -5.38 -36.07
N ILE A 151 0.26 -4.30 -35.55
CA ILE A 151 1.09 -3.33 -34.78
C ILE A 151 0.40 -3.20 -33.43
N VAL A 152 1.15 -3.42 -32.37
CA VAL A 152 0.56 -3.48 -31.05
C VAL A 152 0.79 -2.11 -30.40
N LEU A 153 -0.26 -1.53 -29.81
CA LEU A 153 -0.03 -0.39 -28.91
C LEU A 153 -0.12 -0.98 -27.49
N ASP A 154 0.97 -0.99 -26.73
CA ASP A 154 0.93 -1.59 -25.37
C ASP A 154 1.19 -0.44 -24.39
N SER A 155 0.26 -0.18 -23.45
CA SER A 155 0.43 0.99 -22.57
C SER A 155 0.05 0.48 -21.17
N GLY A 156 0.98 0.55 -20.22
CA GLY A 156 0.77 -0.06 -18.90
C GLY A 156 0.85 1.05 -17.88
N ASP A 157 1.62 0.83 -16.83
CA ASP A 157 1.69 1.78 -15.72
C ASP A 157 2.85 2.73 -15.93
N GLY A 158 3.92 2.26 -16.57
CA GLY A 158 5.16 3.05 -16.67
C GLY A 158 5.59 3.47 -18.08
N VAL A 159 5.18 2.71 -19.08
CA VAL A 159 5.66 2.95 -20.45
C VAL A 159 4.60 2.60 -21.50
N THR A 160 4.67 3.26 -22.65
CA THR A 160 3.80 2.93 -23.79
C THR A 160 4.74 2.67 -24.99
N HIS A 161 4.50 1.57 -25.67
CA HIS A 161 5.26 1.26 -26.90
C HIS A 161 4.31 1.02 -28.07
N ASN A 162 4.80 1.32 -29.28
CA ASN A 162 4.24 0.77 -30.50
CA ASN A 162 4.22 0.80 -30.51
C ASN A 162 5.18 -0.27 -31.05
N VAL A 163 4.66 -1.46 -31.34
CA VAL A 163 5.51 -2.51 -31.80
C VAL A 163 4.93 -3.18 -33.05
N PRO A 164 5.49 -2.85 -34.22
CA PRO A 164 5.04 -3.55 -35.41
C PRO A 164 5.66 -4.95 -35.46
N ILE A 165 4.81 -5.90 -35.84
CA ILE A 165 5.21 -7.31 -35.86
C ILE A 165 4.83 -7.91 -37.21
N TYR A 166 5.78 -8.56 -37.88
CA TYR A 166 5.54 -9.09 -39.22
C TYR A 166 5.76 -10.61 -39.14
N GLU A 167 4.73 -11.41 -39.42
CA GLU A 167 4.79 -12.86 -39.33
C GLU A 167 5.52 -13.29 -38.06
N GLY A 168 5.11 -12.68 -36.95
CA GLY A 168 5.61 -13.09 -35.61
C GLY A 168 6.93 -12.44 -35.22
N TYR A 169 7.51 -11.63 -36.11
CA TYR A 169 8.83 -11.01 -35.89
C TYR A 169 8.61 -9.56 -35.51
N ALA A 170 8.90 -9.19 -34.26
CA ALA A 170 8.82 -7.78 -33.87
C ALA A 170 9.99 -7.00 -34.50
N LEU A 171 9.69 -5.92 -35.19
CA LEU A 171 10.70 -5.21 -35.95
C LEU A 171 11.33 -4.11 -35.11
N PRO A 172 12.55 -4.33 -34.59
CA PRO A 172 12.97 -3.36 -33.56
C PRO A 172 13.31 -1.99 -34.11
N HIS A 173 13.70 -1.88 -35.39
CA HIS A 173 13.99 -0.55 -35.94
C HIS A 173 12.76 0.40 -35.93
N ALA A 174 11.57 -0.19 -35.85
CA ALA A 174 10.32 0.56 -36.00
C ALA A 174 9.55 0.71 -34.68
N ILE A 175 10.11 0.15 -33.62
CA ILE A 175 9.47 0.26 -32.30
C ILE A 175 9.60 1.67 -31.76
N MET A 176 8.52 2.23 -31.24
CA MET A 176 8.55 3.57 -30.64
C MET A 176 8.23 3.41 -29.15
N ARG A 177 8.90 4.19 -28.32
CA ARG A 177 8.70 4.15 -26.86
C ARG A 177 8.27 5.54 -26.44
N LEU A 178 7.21 5.61 -25.63
CA LEU A 178 6.73 6.86 -25.03
C LEU A 178 6.70 6.71 -23.50
N ASP A 179 7.44 7.55 -22.77
CA ASP A 179 7.56 7.40 -21.32
C ASP A 179 6.43 8.18 -20.65
N LEU A 180 5.21 7.77 -21.01
CA LEU A 180 3.99 8.31 -20.40
CA LEU A 180 3.96 8.32 -20.46
C LEU A 180 3.01 7.14 -20.38
N ALA A 181 2.51 6.84 -19.19
CA ALA A 181 1.49 5.78 -19.13
C ALA A 181 0.65 5.96 -17.86
N GLY A 182 0.13 4.87 -17.32
CA GLY A 182 -0.95 4.95 -16.31
C GLY A 182 -0.59 5.76 -15.08
N ARG A 183 0.62 5.60 -14.57
CA ARG A 183 0.98 6.33 -13.34
C ARG A 183 0.98 7.84 -13.59
N ASP A 184 1.40 8.26 -14.79
CA ASP A 184 1.33 9.68 -15.14
C ASP A 184 -0.09 10.18 -15.26
N LEU A 185 -0.98 9.33 -15.77
CA LEU A 185 -2.38 9.72 -15.94
C LEU A 185 -3.04 9.86 -14.56
N THR A 186 -2.70 8.95 -13.65
CA THR A 186 -3.25 9.03 -12.26
C THR A 186 -2.78 10.33 -11.60
N ASP A 187 -1.51 10.66 -11.75
CA ASP A 187 -0.99 11.91 -11.15
C ASP A 187 -1.61 13.14 -11.76
N TYR A 188 -1.84 13.10 -13.07
CA TYR A 188 -2.45 14.24 -13.73
C TYR A 188 -3.92 14.40 -13.30
N LEU A 189 -4.65 13.28 -13.23
CA LEU A 189 -6.01 13.34 -12.67
C LEU A 189 -6.03 13.94 -11.27
N MET A 190 -5.10 13.53 -10.41
CA MET A 190 -4.99 14.10 -9.07
CA MET A 190 -4.99 14.10 -9.07
C MET A 190 -4.84 15.63 -9.16
N LYS A 191 -3.94 16.06 -10.04
CA LYS A 191 -3.68 17.49 -10.23
C LYS A 191 -4.90 18.29 -10.69
N ILE A 192 -5.61 17.78 -11.71
CA ILE A 192 -6.71 18.56 -12.22
C ILE A 192 -7.93 18.48 -11.31
N LEU A 193 -8.10 17.38 -10.56
CA LEU A 193 -9.20 17.38 -9.57
C LEU A 193 -8.90 18.38 -8.46
N THR A 194 -7.64 18.48 -8.11
CA THR A 194 -7.20 19.45 -7.12
C THR A 194 -7.44 20.90 -7.59
N GLU A 195 -7.14 21.18 -8.86
CA GLU A 195 -7.46 22.49 -9.44
C GLU A 195 -8.94 22.83 -9.38
N ARG A 196 -9.77 21.81 -9.53
CA ARG A 196 -11.22 22.02 -9.47
C ARG A 196 -11.70 22.45 -8.09
N GLY A 197 -10.96 22.10 -7.02
CA GLY A 197 -11.36 22.48 -5.68
C GLY A 197 -11.28 21.31 -4.71
N TYR A 198 -11.03 20.11 -5.23
CA TYR A 198 -10.94 18.93 -4.36
C TYR A 198 -9.57 18.86 -3.73
N SER A 199 -9.40 17.96 -2.77
CA SER A 199 -8.10 17.80 -2.18
C SER A 199 -7.74 16.32 -2.14
N PHE A 200 -6.91 15.98 -3.13
N PHE A 200 -6.53 15.99 -2.53
CA PHE A 200 -6.41 14.62 -3.39
CA PHE A 200 -6.11 14.64 -2.25
C PHE A 200 -4.89 14.67 -3.53
C PHE A 200 -4.80 14.67 -1.49
N VAL A 201 -4.18 14.29 -2.47
N VAL A 201 -4.92 14.69 -0.17
CA VAL A 201 -2.71 14.35 -2.48
CA VAL A 201 -3.79 14.94 0.73
C VAL A 201 -2.07 13.21 -1.69
C VAL A 201 -3.29 13.68 1.40
N THR A 202 -2.67 12.82 -0.57
N THR A 202 -4.12 13.03 2.23
CA THR A 202 -2.11 11.74 0.26
CA THR A 202 -3.68 11.80 2.87
C THR A 202 -2.03 10.41 -0.50
C THR A 202 -3.31 10.74 1.84
N THR A 203 -1.23 9.49 0.04
N THR A 203 -2.88 9.59 2.33
CA THR A 203 -1.12 8.11 -0.44
CA THR A 203 -2.43 8.48 1.48
C THR A 203 -2.48 7.49 -0.69
C THR A 203 -3.64 7.73 0.95
N ALA A 204 -3.36 7.61 0.31
N ALA A 204 -4.68 7.65 1.75
CA ALA A 204 -4.71 7.08 0.25
CA ALA A 204 -5.87 6.96 1.31
C ALA A 204 -5.58 7.76 -0.80
C ALA A 204 -6.53 7.69 0.14
N GLU A 205 -5.40 9.08 -0.95
N GLU A 205 -5.74 8.42 -0.66
CA GLU A 205 -6.14 9.90 -1.90
CA GLU A 205 -6.27 9.30 -1.72
C GLU A 205 -5.71 9.53 -3.30
C GLU A 205 -5.79 9.12 -3.18
N ARG A 206 -4.47 9.06 -3.42
CA ARG A 206 -3.99 8.66 -4.75
C ARG A 206 -4.63 7.34 -5.13
N GLU A 207 -4.81 6.49 -4.11
CA GLU A 207 -5.50 5.24 -4.30
C GLU A 207 -6.90 5.51 -4.77
N ILE A 208 -7.56 6.50 -4.18
CA ILE A 208 -8.92 6.79 -4.60
C ILE A 208 -8.88 7.34 -6.03
N VAL A 209 -7.90 8.19 -6.34
CA VAL A 209 -7.84 8.81 -7.66
C VAL A 209 -7.61 7.75 -8.75
N ARG A 210 -6.75 6.79 -8.44
CA ARG A 210 -6.56 5.69 -9.38
C ARG A 210 -7.87 4.99 -9.67
N ASP A 211 -8.67 4.75 -8.63
CA ASP A 211 -10.00 4.16 -8.78
C ASP A 211 -10.97 5.03 -9.60
N ILE A 212 -10.97 6.34 -9.34
CA ILE A 212 -11.79 7.24 -10.15
C ILE A 212 -11.36 7.16 -11.64
N LYS A 213 -10.05 7.19 -11.85
CA LYS A 213 -9.50 7.03 -13.23
C LYS A 213 -10.04 5.78 -13.95
N GLU A 214 -10.01 4.65 -13.26
CA GLU A 214 -10.33 3.35 -13.87
C GLU A 214 -11.83 3.17 -14.04
N LYS A 215 -12.63 3.95 -13.34
CA LYS A 215 -14.11 3.76 -13.31
C LYS A 215 -14.89 4.82 -14.08
N LEU A 216 -14.35 6.04 -14.13
CA LEU A 216 -15.10 7.17 -14.69
C LEU A 216 -14.44 7.84 -15.89
N CYS A 217 -13.17 7.55 -16.18
CA CYS A 217 -12.53 8.30 -17.28
C CYS A 217 -12.87 7.66 -18.63
N TYR A 218 -12.73 8.44 -19.72
CA TYR A 218 -12.98 7.89 -21.05
C TYR A 218 -12.30 8.81 -22.07
N VAL A 219 -12.12 8.33 -23.30
CA VAL A 219 -11.44 9.14 -24.32
C VAL A 219 -12.53 9.76 -25.21
N ALA A 220 -12.53 11.08 -25.33
CA ALA A 220 -13.50 11.77 -26.17
C ALA A 220 -13.18 11.49 -27.64
N LEU A 221 -14.20 11.26 -28.46
CA LEU A 221 -13.98 11.18 -29.92
C LEU A 221 -13.50 12.50 -30.55
N ASP A 222 -14.06 13.61 -30.07
CA ASP A 222 -13.69 14.95 -30.53
C ASP A 222 -13.47 15.78 -29.27
N PHE A 223 -12.22 16.01 -28.89
CA PHE A 223 -11.90 16.59 -27.56
C PHE A 223 -12.46 18.01 -27.43
N GLU A 224 -12.33 18.83 -28.47
CA GLU A 224 -12.76 20.23 -28.31
C GLU A 224 -14.29 20.31 -28.25
N ASN A 225 -14.96 19.47 -29.03
CA ASN A 225 -16.41 19.40 -28.93
C ASN A 225 -16.85 18.90 -27.57
N GLU A 226 -16.13 17.91 -27.04
CA GLU A 226 -16.46 17.36 -25.72
C GLU A 226 -16.27 18.43 -24.64
N MET A 227 -15.24 19.27 -24.77
CA MET A 227 -15.04 20.34 -23.78
C MET A 227 -16.23 21.31 -23.80
N ALA A 228 -16.69 21.64 -25.00
CA ALA A 228 -17.82 22.52 -25.22
C ALA A 228 -19.09 21.90 -24.65
N THR A 229 -19.29 20.61 -24.91
CA THR A 229 -20.45 19.88 -24.34
C THR A 229 -20.44 19.93 -22.80
N ALA A 230 -19.29 19.67 -22.19
CA ALA A 230 -19.13 19.74 -20.73
C ALA A 230 -19.41 21.14 -20.18
N ALA A 231 -19.16 22.17 -21.00
CA ALA A 231 -19.37 23.55 -20.55
C ALA A 231 -20.83 23.96 -20.70
N SER A 232 -21.53 23.37 -21.66
CA SER A 232 -22.91 23.79 -21.94
C SER A 232 -23.98 23.02 -21.18
N SER A 233 -23.64 21.88 -20.58
CA SER A 233 -24.63 21.04 -19.93
C SER A 233 -23.96 20.23 -18.83
N SER A 234 -24.77 19.54 -18.03
CA SER A 234 -24.27 18.66 -16.99
CA SER A 234 -24.25 18.66 -17.01
C SER A 234 -24.28 17.21 -17.46
N SER A 235 -24.49 16.97 -18.74
CA SER A 235 -24.75 15.62 -19.25
CA SER A 235 -24.73 15.62 -19.26
C SER A 235 -23.53 14.70 -19.12
N LEU A 236 -22.33 15.27 -19.03
CA LEU A 236 -21.15 14.41 -18.95
C LEU A 236 -20.67 14.23 -17.50
N GLU A 237 -21.38 14.83 -16.55
CA GLU A 237 -20.97 14.67 -15.15
C GLU A 237 -21.30 13.27 -14.63
N LYS A 238 -20.42 12.76 -13.77
CA LYS A 238 -20.63 11.45 -13.17
C LYS A 238 -20.35 11.66 -11.70
N SER A 239 -21.08 10.95 -10.85
CA SER A 239 -20.87 11.04 -9.41
C SER A 239 -19.99 9.89 -8.95
N TYR A 240 -19.24 10.12 -7.89
CA TYR A 240 -18.36 9.11 -7.33
C TYR A 240 -18.41 9.24 -5.82
N GLU A 241 -18.80 8.16 -5.16
CA GLU A 241 -18.93 8.10 -3.72
C GLU A 241 -17.61 7.65 -3.11
N LEU A 242 -17.07 8.50 -2.25
CA LEU A 242 -15.80 8.24 -1.62
C LEU A 242 -15.98 7.21 -0.49
N PRO A 243 -14.88 6.61 -0.03
CA PRO A 243 -14.88 5.66 1.07
C PRO A 243 -15.71 6.14 2.27
N ASP A 244 -15.59 7.41 2.65
CA ASP A 244 -16.37 7.94 3.78
C ASP A 244 -17.85 8.12 3.49
N GLY A 245 -18.24 8.04 2.22
CA GLY A 245 -19.65 8.12 1.86
C GLY A 245 -20.07 9.41 1.18
N GLN A 246 -19.24 10.45 1.27
CA GLN A 246 -19.55 11.69 0.57
C GLN A 246 -19.39 11.48 -0.94
N VAL A 247 -20.32 12.04 -1.70
CA VAL A 247 -20.33 11.90 -3.15
C VAL A 247 -19.74 13.13 -3.82
N ILE A 248 -18.80 12.94 -4.73
CA ILE A 248 -18.34 14.07 -5.54
C ILE A 248 -18.70 13.92 -7.02
N THR A 249 -18.62 15.02 -7.73
CA THR A 249 -19.04 15.05 -9.13
C THR A 249 -17.84 15.38 -10.00
N ILE A 250 -17.63 14.59 -11.05
CA ILE A 250 -16.53 14.93 -11.92
C ILE A 250 -17.05 15.14 -13.35
N GLY A 251 -16.55 16.19 -13.99
CA GLY A 251 -17.04 16.62 -15.29
C GLY A 251 -15.95 16.40 -16.31
N ASN A 252 -15.41 17.48 -16.89
CA ASN A 252 -14.46 17.31 -17.99
C ASN A 252 -13.16 16.63 -17.59
N GLU A 253 -12.90 16.51 -16.28
CA GLU A 253 -11.73 15.73 -15.90
C GLU A 253 -11.80 14.28 -16.39
N ARG A 254 -13.02 13.76 -16.60
CA ARG A 254 -13.19 12.37 -17.04
C ARG A 254 -12.44 12.10 -18.35
N PHE A 255 -12.51 13.05 -19.29
CA PHE A 255 -11.86 12.87 -20.61
C PHE A 255 -10.58 13.69 -20.80
N ARG A 256 -10.36 14.69 -19.95
CA ARG A 256 -9.09 15.43 -20.04
C ARG A 256 -7.93 14.54 -19.60
N CYS A 257 -8.16 13.67 -18.62
CA CYS A 257 -7.07 12.82 -18.12
C CYS A 257 -6.47 11.89 -19.21
N PRO A 258 -7.29 11.03 -19.86
CA PRO A 258 -6.66 10.23 -20.91
C PRO A 258 -6.39 10.97 -22.25
N GLU A 259 -6.99 12.14 -22.44
CA GLU A 259 -6.56 12.98 -23.58
C GLU A 259 -5.04 13.14 -23.63
N THR A 260 -4.40 13.11 -22.46
CA THR A 260 -2.95 13.26 -22.35
C THR A 260 -2.18 12.26 -23.22
N LEU A 261 -2.75 11.07 -23.44
CA LEU A 261 -2.14 10.08 -24.35
C LEU A 261 -2.02 10.61 -25.78
N PHE A 262 -3.03 11.34 -26.22
CA PHE A 262 -3.00 11.95 -27.54
C PHE A 262 -2.35 13.33 -27.55
N GLN A 263 -2.34 14.00 -26.39
CA GLN A 263 -1.69 15.33 -26.26
C GLN A 263 -0.76 15.36 -25.04
N PRO A 264 0.44 14.80 -25.18
CA PRO A 264 1.31 14.71 -24.00
C PRO A 264 1.70 16.08 -23.43
N SER A 265 1.49 17.15 -24.20
CA SER A 265 1.74 18.51 -23.73
C SER A 265 0.89 18.83 -22.50
N PHE A 266 -0.20 18.10 -22.26
CA PHE A 266 -1.06 18.31 -21.05
C PHE A 266 -0.22 18.08 -19.80
N ILE A 267 0.80 17.23 -19.86
CA ILE A 267 1.68 17.12 -18.71
C ILE A 267 3.08 17.68 -18.96
N GLY A 268 3.18 18.61 -19.90
CA GLY A 268 4.45 19.25 -20.24
C GLY A 268 5.51 18.44 -20.97
N MET A 269 5.08 17.38 -21.67
CA MET A 269 5.97 16.54 -22.47
CA MET A 269 5.96 16.52 -22.46
C MET A 269 5.86 16.98 -23.93
N GLU A 270 7.01 17.15 -24.59
CA GLU A 270 7.01 17.65 -25.97
C GLU A 270 6.81 16.58 -27.06
N SER A 271 6.43 15.39 -26.64
CA SER A 271 6.42 14.20 -27.48
C SER A 271 5.17 14.09 -28.36
N ALA A 272 5.28 13.36 -29.47
CA ALA A 272 4.09 12.98 -30.25
C ALA A 272 3.14 12.15 -29.40
N GLY A 273 1.83 12.33 -29.61
CA GLY A 273 0.82 11.46 -28.99
C GLY A 273 0.79 10.05 -29.57
N ILE A 274 -0.02 9.18 -28.98
CA ILE A 274 -0.03 7.75 -29.37
C ILE A 274 -0.52 7.50 -30.79
N HIS A 275 -1.37 8.38 -31.29
CA HIS A 275 -1.81 8.20 -32.67
C HIS A 275 -0.64 8.47 -33.66
N GLU A 276 0.16 9.48 -33.32
CA GLU A 276 1.29 9.91 -34.11
CA GLU A 276 1.27 9.86 -34.17
C GLU A 276 2.42 8.88 -34.01
N THR A 277 2.63 8.34 -32.81
CA THR A 277 3.72 7.37 -32.74
C THR A 277 3.30 6.07 -33.44
N THR A 278 2.01 5.76 -33.43
CA THR A 278 1.51 4.60 -34.20
C THR A 278 1.76 4.75 -35.70
N TYR A 279 1.36 5.89 -36.21
CA TYR A 279 1.60 6.20 -37.61
C TYR A 279 3.10 6.19 -37.94
N ASN A 280 3.90 6.88 -37.11
CA ASN A 280 5.33 6.93 -37.37
C ASN A 280 5.99 5.56 -37.42
N SER A 281 5.58 4.67 -36.51
CA SER A 281 6.04 3.27 -36.49
C SER A 281 5.68 2.50 -37.77
N ILE A 282 4.45 2.62 -38.21
CA ILE A 282 4.01 1.97 -39.46
C ILE A 282 4.89 2.52 -40.61
N MET A 283 5.13 3.83 -40.60
CA MET A 283 5.91 4.48 -41.68
C MET A 283 7.38 4.08 -41.65
N LYS A 284 7.90 3.58 -40.53
CA LYS A 284 9.24 3.00 -40.55
C LYS A 284 9.31 1.62 -41.18
N CYS A 285 8.16 0.98 -41.41
CA CYS A 285 8.14 -0.36 -42.00
C CYS A 285 8.06 -0.30 -43.53
N ASP A 286 8.59 -1.33 -44.17
CA ASP A 286 8.41 -1.50 -45.61
C ASP A 286 6.98 -1.22 -46.05
N ILE A 287 6.83 -0.48 -47.15
CA ILE A 287 5.50 -0.08 -47.58
C ILE A 287 4.63 -1.30 -47.83
N ASP A 288 5.22 -2.40 -48.26
CA ASP A 288 4.40 -3.56 -48.62
C ASP A 288 3.76 -4.29 -47.42
N ILE A 289 4.19 -4.00 -46.20
CA ILE A 289 3.47 -4.61 -45.08
C ILE A 289 2.50 -3.64 -44.36
N ARG A 290 2.48 -2.38 -44.79
CA ARG A 290 1.71 -1.35 -44.08
C ARG A 290 0.20 -1.60 -44.12
N LYS A 291 -0.33 -2.07 -45.25
CA LYS A 291 -1.75 -2.36 -45.35
C LYS A 291 -2.12 -3.30 -44.20
N ASP A 292 -1.29 -4.32 -43.97
CA ASP A 292 -1.59 -5.29 -42.90
C ASP A 292 -1.45 -4.76 -41.49
N LEU A 293 -0.51 -3.83 -41.29
CA LEU A 293 -0.39 -3.19 -39.98
C LEU A 293 -1.60 -2.31 -39.71
N TYR A 294 -1.99 -1.48 -40.67
CA TYR A 294 -3.16 -0.59 -40.48
C TYR A 294 -4.46 -1.36 -40.22
N ALA A 295 -4.61 -2.56 -40.78
CA ALA A 295 -5.84 -3.35 -40.59
C ALA A 295 -5.77 -4.22 -39.33
N ASN A 296 -4.67 -4.15 -38.58
CA ASN A 296 -4.46 -5.02 -37.40
C ASN A 296 -3.72 -4.27 -36.29
N ASN A 297 -4.29 -3.13 -35.86
CA ASN A 297 -3.80 -2.35 -34.70
CA ASN A 297 -3.75 -2.40 -34.72
C ASN A 297 -4.40 -2.95 -33.45
N VAL A 298 -3.59 -3.66 -32.69
CA VAL A 298 -4.06 -4.34 -31.51
C VAL A 298 -3.65 -3.56 -30.26
N MET A 299 -4.62 -3.25 -29.41
CA MET A 299 -4.32 -2.58 -28.16
CA MET A 299 -4.39 -2.56 -28.15
C MET A 299 -4.17 -3.54 -26.99
N SER A 300 -3.22 -3.23 -26.13
CA SER A 300 -2.80 -4.11 -25.04
C SER A 300 -2.45 -3.29 -23.79
N GLY A 301 -2.76 -3.78 -22.60
CA GLY A 301 -2.23 -3.06 -21.43
C GLY A 301 -3.36 -2.33 -20.69
N GLY A 302 -3.17 -2.13 -19.39
CA GLY A 302 -4.23 -1.48 -18.57
C GLY A 302 -4.61 -0.09 -19.05
N THR A 303 -3.64 0.65 -19.59
CA THR A 303 -3.90 2.06 -19.93
C THR A 303 -4.61 2.21 -21.28
N THR A 304 -4.78 1.10 -21.99
CA THR A 304 -5.67 1.12 -23.15
C THR A 304 -7.11 0.74 -22.81
N MET A 305 -7.43 0.59 -21.52
CA MET A 305 -8.78 0.16 -21.15
C MET A 305 -9.86 1.27 -21.24
N TYR A 306 -9.47 2.54 -21.45
CA TYR A 306 -10.47 3.63 -21.46
C TYR A 306 -11.56 3.38 -22.49
N PRO A 307 -12.82 3.54 -22.10
CA PRO A 307 -13.86 3.60 -23.13
C PRO A 307 -13.56 4.68 -24.15
N GLY A 308 -13.90 4.45 -25.42
CA GLY A 308 -13.64 5.51 -26.43
C GLY A 308 -12.26 5.40 -27.12
N ILE A 309 -11.31 4.70 -26.52
CA ILE A 309 -9.94 4.84 -27.02
C ILE A 309 -9.78 4.22 -28.41
N ALA A 310 -10.44 3.08 -28.64
CA ALA A 310 -10.38 2.45 -29.97
C ALA A 310 -11.00 3.32 -31.05
N ASP A 311 -12.19 3.87 -30.78
CA ASP A 311 -12.78 4.80 -31.76
C ASP A 311 -11.93 6.02 -32.07
N ARG A 312 -11.31 6.59 -31.05
CA ARG A 312 -10.53 7.79 -31.26
C ARG A 312 -9.25 7.39 -32.03
N MET A 313 -8.63 6.26 -31.72
CA MET A 313 -7.48 5.81 -32.51
CA MET A 313 -7.48 5.82 -32.52
C MET A 313 -7.87 5.59 -33.98
N GLN A 314 -9.02 4.94 -34.20
CA GLN A 314 -9.47 4.72 -35.59
C GLN A 314 -9.59 6.05 -36.34
N LYS A 315 -10.18 7.04 -35.70
CA LYS A 315 -10.33 8.36 -36.30
C LYS A 315 -8.98 9.04 -36.62
N GLU A 316 -8.08 9.03 -35.63
CA GLU A 316 -6.82 9.75 -35.77
C GLU A 316 -5.91 9.06 -36.78
N ILE A 317 -5.90 7.73 -36.80
CA ILE A 317 -5.07 7.04 -37.78
CA ILE A 317 -5.11 6.99 -37.77
C ILE A 317 -5.67 7.21 -39.18
N THR A 318 -7.00 7.17 -39.30
CA THR A 318 -7.68 7.44 -40.58
C THR A 318 -7.28 8.81 -41.14
N ALA A 319 -7.17 9.83 -40.27
CA ALA A 319 -6.71 11.16 -40.67
C ALA A 319 -5.28 11.21 -41.20
N LEU A 320 -4.41 10.37 -40.65
CA LEU A 320 -3.02 10.28 -41.09
C LEU A 320 -2.75 9.34 -42.27
N ALA A 321 -3.53 8.26 -42.40
CA ALA A 321 -3.27 7.22 -43.41
C ALA A 321 -3.76 7.66 -44.80
N PRO A 322 -3.29 7.00 -45.86
CA PRO A 322 -3.78 7.22 -47.24
C PRO A 322 -5.30 7.05 -47.23
N SER A 323 -6.00 7.81 -48.07
CA SER A 323 -7.45 7.95 -47.87
C SER A 323 -8.24 6.66 -48.18
N THR A 324 -7.65 5.75 -48.92
CA THR A 324 -8.37 4.51 -49.20
C THR A 324 -7.94 3.34 -48.30
N MET A 325 -7.12 3.61 -47.28
CA MET A 325 -6.57 2.54 -46.46
C MET A 325 -7.61 1.97 -45.49
N LYS A 326 -7.70 0.64 -45.40
CA LYS A 326 -8.61 0.01 -44.45
C LYS A 326 -7.95 0.07 -43.09
N ILE A 327 -8.61 0.66 -42.10
CA ILE A 327 -7.98 0.84 -40.79
C ILE A 327 -8.83 0.08 -39.78
N LYS A 328 -8.23 -0.78 -38.97
CA LYS A 328 -9.01 -1.50 -37.94
C LYS A 328 -8.26 -1.53 -36.62
N ILE A 329 -8.96 -1.18 -35.54
CA ILE A 329 -8.32 -1.20 -34.22
C ILE A 329 -8.98 -2.36 -33.48
N ILE A 330 -8.17 -3.21 -32.88
CA ILE A 330 -8.68 -4.40 -32.20
C ILE A 330 -8.42 -4.23 -30.70
N ALA A 331 -9.47 -4.13 -29.90
CA ALA A 331 -9.25 -3.85 -28.49
C ALA A 331 -9.99 -4.89 -27.68
N PRO A 332 -9.34 -6.03 -27.39
CA PRO A 332 -9.98 -7.15 -26.68
C PRO A 332 -10.52 -6.80 -25.30
N PRO A 333 -11.64 -7.39 -24.89
CA PRO A 333 -12.19 -6.98 -23.58
C PRO A 333 -11.19 -7.35 -22.45
N GLU A 334 -10.39 -8.38 -22.66
CA GLU A 334 -9.48 -8.80 -21.59
C GLU A 334 -8.08 -8.21 -21.77
N ARG A 335 -7.98 -7.12 -22.50
CA ARG A 335 -6.67 -6.62 -22.93
C ARG A 335 -5.77 -6.09 -21.82
N LYS A 336 -6.30 -5.84 -20.62
CA LYS A 336 -5.40 -5.54 -19.49
C LYS A 336 -4.49 -6.71 -19.14
N TYR A 337 -4.90 -7.91 -19.51
CA TYR A 337 -4.10 -9.09 -19.28
C TYR A 337 -3.67 -9.82 -20.55
N SER A 338 -3.73 -9.19 -21.71
CA SER A 338 -3.54 -9.97 -22.93
C SER A 338 -2.10 -10.47 -23.12
N VAL A 339 -1.11 -9.73 -22.62
CA VAL A 339 0.26 -10.28 -22.60
C VAL A 339 0.27 -11.61 -21.85
N TRP A 340 -0.29 -11.62 -20.63
CA TRP A 340 -0.28 -12.83 -19.81
C TRP A 340 -1.08 -13.94 -20.50
N ILE A 341 -2.22 -13.60 -21.07
CA ILE A 341 -3.04 -14.61 -21.77
C ILE A 341 -2.30 -15.21 -22.96
N GLY A 342 -1.58 -14.38 -23.70
CA GLY A 342 -0.83 -14.90 -24.86
C GLY A 342 0.21 -15.87 -24.37
N GLY A 343 0.82 -15.54 -23.25
CA GLY A 343 1.81 -16.43 -22.63
C GLY A 343 1.21 -17.73 -22.17
N SER A 344 0.01 -17.66 -21.60
CA SER A 344 -0.71 -18.83 -21.10
C SER A 344 -1.09 -19.78 -22.23
N ILE A 345 -1.56 -19.21 -23.34
CA ILE A 345 -1.82 -20.00 -24.54
C ILE A 345 -0.57 -20.67 -25.09
N LEU A 346 0.51 -19.90 -25.21
CA LEU A 346 1.74 -20.39 -25.81
C LEU A 346 2.37 -21.50 -24.96
N ALA A 347 2.47 -21.25 -23.65
CA ALA A 347 3.10 -22.21 -22.73
C ALA A 347 2.32 -23.49 -22.57
N SER A 348 1.04 -23.47 -22.94
CA SER A 348 0.19 -24.64 -22.79
C SER A 348 0.02 -25.43 -24.10
N LEU A 349 0.77 -25.05 -25.13
CA LEU A 349 0.72 -25.76 -26.40
C LEU A 349 1.67 -26.95 -26.37
N SER A 350 1.18 -28.12 -26.77
CA SER A 350 2.09 -29.26 -26.97
C SER A 350 3.13 -28.89 -28.02
N THR A 351 2.70 -28.18 -29.07
CA THR A 351 3.57 -27.66 -30.12
C THR A 351 4.80 -26.90 -29.60
N PHE A 352 4.60 -26.16 -28.51
CA PHE A 352 5.62 -25.27 -27.96
C PHE A 352 6.73 -25.97 -27.17
N GLN A 353 6.43 -27.17 -26.66
CA GLN A 353 7.27 -27.82 -25.66
C GLN A 353 8.75 -28.03 -26.03
N GLN A 354 9.11 -27.80 -27.30
CA GLN A 354 10.51 -27.95 -27.70
C GLN A 354 11.20 -26.58 -27.83
N MET A 355 10.49 -25.53 -27.41
CA MET A 355 11.06 -24.18 -27.45
C MET A 355 11.62 -23.73 -26.10
N TRP A 356 11.21 -24.43 -25.02
CA TRP A 356 11.79 -24.29 -23.69
C TRP A 356 13.31 -24.44 -23.70
N ILE A 357 14.00 -23.52 -23.04
CA ILE A 357 15.43 -23.72 -22.80
C ILE A 357 15.52 -24.58 -21.53
N THR A 358 16.16 -25.73 -21.61
CA THR A 358 16.24 -26.60 -20.44
C THR A 358 17.49 -26.28 -19.62
N LYS A 359 17.50 -26.67 -18.35
CA LYS A 359 18.67 -26.40 -17.53
C LYS A 359 19.91 -27.10 -18.10
N GLN A 360 19.70 -28.28 -18.69
CA GLN A 360 20.80 -29.00 -19.36
C GLN A 360 21.44 -28.17 -20.47
N GLU A 361 20.62 -27.59 -21.34
CA GLU A 361 21.08 -26.63 -22.36
C GLU A 361 21.82 -25.45 -21.74
N TYR A 362 21.25 -24.88 -20.68
CA TYR A 362 21.91 -23.77 -19.99
C TYR A 362 23.26 -24.18 -19.40
N ASP A 363 23.34 -25.41 -18.90
CA ASP A 363 24.60 -25.98 -18.41
C ASP A 363 25.63 -26.21 -19.52
N GLU A 364 25.16 -26.56 -20.72
CA GLU A 364 26.05 -26.78 -21.87
C GLU A 364 26.44 -25.50 -22.62
N ALA A 365 25.69 -24.43 -22.42
CA ALA A 365 25.92 -23.17 -23.13
C ALA A 365 26.77 -22.22 -22.30
N LEU B 1 13.07 4.70 34.88
CA LEU B 1 12.31 4.29 33.66
C LEU B 1 10.97 5.00 33.69
N LYS B 2 10.66 5.87 32.73
CA LYS B 2 9.32 6.43 32.66
C LYS B 2 8.46 5.72 31.62
N ILE B 3 7.29 5.25 32.03
CA ILE B 3 6.33 4.62 31.13
C ILE B 3 5.03 5.43 31.05
N ALA B 4 4.47 5.61 29.85
CA ALA B 4 3.19 6.31 29.69
C ALA B 4 2.21 5.63 28.75
N ALA B 5 0.92 5.97 28.88
CA ALA B 5 -0.10 5.60 27.90
C ALA B 5 -0.86 6.86 27.52
N PHE B 6 -1.00 7.10 26.22
CA PHE B 6 -1.51 8.38 25.70
C PHE B 6 -2.49 8.14 24.56
N ASN B 7 -3.74 8.52 24.74
CA ASN B 7 -4.73 8.47 23.69
C ASN B 7 -4.59 9.80 22.95
N ILE B 8 -4.11 9.78 21.71
CA ILE B 8 -3.97 11.01 20.95
C ILE B 8 -5.13 11.08 19.98
N ARG B 9 -6.05 12.01 20.19
CA ARG B 9 -7.27 12.07 19.42
C ARG B 9 -6.96 12.10 17.93
N THR B 10 -7.64 11.24 17.17
CA THR B 10 -7.40 11.04 15.73
C THR B 10 -5.94 11.23 15.31
N PHE B 11 -5.05 10.50 15.95
CA PHE B 11 -3.65 10.51 15.53
C PHE B 11 -3.54 9.97 14.11
N GLY B 12 -3.06 10.78 13.19
CA GLY B 12 -2.99 10.35 11.80
C GLY B 12 -2.27 11.38 10.99
N GLU B 13 -2.38 11.23 9.66
CA GLU B 13 -1.56 12.03 8.76
C GLU B 13 -1.80 13.53 8.93
N THR B 14 -3.04 13.95 9.10
CA THR B 14 -3.33 15.38 9.16
C THR B 14 -2.63 16.01 10.35
N LYS B 15 -2.74 15.35 11.51
CA LYS B 15 -2.11 15.86 12.73
C LYS B 15 -0.58 15.84 12.67
N MET B 16 0.00 14.74 12.18
CA MET B 16 1.46 14.67 12.02
C MET B 16 2.02 15.61 10.93
N SER B 17 1.18 16.04 10.00
CA SER B 17 1.61 16.97 8.96
CA SER B 17 1.62 16.97 8.97
C SER B 17 1.53 18.42 9.45
N ASN B 18 0.93 18.63 10.62
CA ASN B 18 0.90 19.95 11.23
C ASN B 18 2.16 20.13 12.06
N ALA B 19 3.09 20.95 11.56
CA ALA B 19 4.39 21.10 12.23
C ALA B 19 4.29 21.43 13.73
N THR B 20 3.34 22.29 14.09
CA THR B 20 3.22 22.72 15.48
C THR B 20 2.77 21.55 16.32
N LEU B 21 1.78 20.83 15.82
CA LEU B 21 1.17 19.79 16.63
C LEU B 21 2.13 18.61 16.73
N ALA B 22 2.78 18.31 15.61
CA ALA B 22 3.83 17.30 15.55
C ALA B 22 4.94 17.55 16.57
N SER B 23 5.38 18.80 16.68
CA SER B 23 6.43 19.15 17.64
CA SER B 23 6.42 19.16 17.63
C SER B 23 6.01 18.84 19.08
N TYR B 24 4.78 19.19 19.42
CA TYR B 24 4.25 18.91 20.76
C TYR B 24 4.13 17.43 21.06
N ILE B 25 3.64 16.67 20.09
CA ILE B 25 3.60 15.22 20.24
C ILE B 25 5.02 14.64 20.42
N VAL B 26 5.97 15.10 19.60
CA VAL B 26 7.34 14.63 19.76
C VAL B 26 7.90 14.97 21.16
N ARG B 27 7.66 16.19 21.61
CA ARG B 27 8.14 16.64 22.94
C ARG B 27 7.59 15.73 24.04
N ILE B 28 6.32 15.40 23.94
CA ILE B 28 5.65 14.52 24.92
C ILE B 28 6.18 13.09 24.89
N VAL B 29 6.26 12.51 23.69
CA VAL B 29 6.84 11.19 23.54
C VAL B 29 8.25 11.09 24.13
N ARG B 30 9.08 12.11 23.89
CA ARG B 30 10.48 12.09 24.28
C ARG B 30 10.65 12.00 25.80
N ARG B 31 9.57 12.27 26.54
CA ARG B 31 9.62 12.21 27.99
C ARG B 31 9.79 10.76 28.43
N TYR B 32 9.36 9.82 27.59
CA TYR B 32 9.21 8.45 28.03
C TYR B 32 10.18 7.43 27.47
N ASP B 33 10.43 6.41 28.26
CA ASP B 33 11.24 5.25 27.85
C ASP B 33 10.36 4.22 27.15
N ILE B 34 9.12 4.09 27.59
CA ILE B 34 8.13 3.33 26.84
C ILE B 34 6.88 4.18 26.79
N VAL B 35 6.30 4.38 25.60
CA VAL B 35 4.99 5.01 25.56
C VAL B 35 4.04 4.22 24.65
N LEU B 36 2.82 4.02 25.16
CA LEU B 36 1.74 3.48 24.39
C LEU B 36 0.87 4.58 23.78
N ILE B 37 0.81 4.69 22.47
CA ILE B 37 -0.09 5.65 21.80
C ILE B 37 -1.31 4.91 21.28
N GLN B 38 -2.50 5.46 21.58
CA GLN B 38 -3.77 4.88 21.16
C GLN B 38 -4.51 5.86 20.27
N GLU B 39 -5.52 5.35 19.56
CA GLU B 39 -6.33 6.10 18.60
C GLU B 39 -5.51 6.46 17.38
N VAL B 40 -4.61 5.54 17.02
CA VAL B 40 -3.84 5.70 15.78
C VAL B 40 -4.73 5.33 14.60
N ARG B 41 -5.10 6.32 13.79
CA ARG B 41 -5.99 6.17 12.65
C ARG B 41 -5.14 6.53 11.43
N ASP B 42 -4.46 5.51 10.94
CA ASP B 42 -3.31 5.67 10.04
C ASP B 42 -3.30 4.51 9.06
N SER B 43 -4.07 4.63 7.98
CA SER B 43 -4.40 3.50 7.13
C SER B 43 -3.13 2.86 6.51
N HIS B 44 -2.12 3.66 6.19
CA HIS B 44 -0.89 3.14 5.57
C HIS B 44 0.37 3.35 6.43
N LEU B 45 0.18 3.57 7.74
CA LEU B 45 1.30 3.78 8.67
C LEU B 45 2.11 5.05 8.37
N VAL B 46 1.55 5.96 7.55
CA VAL B 46 2.28 7.15 7.19
C VAL B 46 2.59 8.08 8.37
N ALA B 47 1.59 8.35 9.19
CA ALA B 47 1.78 9.18 10.40
C ALA B 47 2.74 8.55 11.42
N VAL B 48 2.62 7.24 11.63
CA VAL B 48 3.57 6.49 12.46
C VAL B 48 4.98 6.65 11.90
N GLY B 49 5.14 6.49 10.58
CA GLY B 49 6.47 6.66 9.99
C GLY B 49 7.00 8.08 10.16
N LYS B 50 6.13 9.08 10.08
CA LYS B 50 6.56 10.47 10.26
CA LYS B 50 6.53 10.48 10.27
C LYS B 50 6.98 10.78 11.69
N LEU B 51 6.24 10.22 12.63
CA LEU B 51 6.59 10.38 14.04
C LEU B 51 7.96 9.73 14.26
N LEU B 52 8.15 8.53 13.75
CA LEU B 52 9.44 7.86 13.91
C LEU B 52 10.57 8.61 13.18
N ASP B 53 10.28 9.22 12.04
CA ASP B 53 11.30 10.02 11.36
C ASP B 53 11.80 11.16 12.26
N TYR B 54 10.87 11.87 12.89
CA TYR B 54 11.25 12.95 13.79
C TYR B 54 12.03 12.42 15.00
N LEU B 55 11.54 11.32 15.58
CA LEU B 55 12.14 10.79 16.82
C LEU B 55 13.56 10.27 16.58
N ASN B 56 13.77 9.76 15.37
CA ASN B 56 15.03 9.11 14.99
C ASN B 56 15.89 9.91 14.01
N GLN B 57 15.58 11.19 13.85
CA GLN B 57 16.33 12.04 12.92
C GLN B 57 17.81 12.18 13.24
N ASP B 58 18.18 12.29 14.52
CA ASP B 58 19.59 12.41 14.82
C ASP B 58 20.17 11.03 15.01
N ASP B 59 19.74 10.32 16.04
CA ASP B 59 20.20 8.96 16.27
C ASP B 59 19.16 8.01 15.71
N PRO B 60 19.52 7.15 14.73
CA PRO B 60 18.47 6.34 14.08
C PRO B 60 17.84 5.30 15.00
N ASN B 61 18.49 5.06 16.14
CA ASN B 61 17.93 4.13 17.11
C ASN B 61 17.41 4.75 18.41
N THR B 62 16.97 6.00 18.34
CA THR B 62 16.41 6.66 19.51
C THR B 62 15.20 5.90 20.01
N TYR B 63 14.25 5.60 19.11
CA TYR B 63 13.07 4.80 19.47
C TYR B 63 12.85 3.68 18.47
N HIS B 64 12.40 2.53 18.96
CA HIS B 64 11.95 1.41 18.15
C HIS B 64 10.46 1.26 18.35
N TYR B 65 9.78 0.44 17.55
CA TYR B 65 8.32 0.40 17.66
C TYR B 65 7.79 -1.02 17.71
N VAL B 66 6.57 -1.13 18.18
CA VAL B 66 5.73 -2.30 18.07
C VAL B 66 4.39 -1.70 17.66
N VAL B 67 3.81 -2.14 16.55
CA VAL B 67 2.54 -1.54 16.12
C VAL B 67 1.53 -2.63 15.72
N SER B 68 0.26 -2.41 16.01
CA SER B 68 -0.76 -3.37 15.58
C SER B 68 -1.27 -3.07 14.15
N GLU B 69 -1.97 -4.03 13.56
CA GLU B 69 -2.85 -3.75 12.43
C GLU B 69 -4.03 -2.91 12.89
N PRO B 70 -4.85 -2.36 11.98
CA PRO B 70 -6.05 -1.64 12.41
C PRO B 70 -7.07 -2.59 13.04
N LEU B 71 -7.57 -2.19 14.21
CA LEU B 71 -8.46 -3.02 15.02
C LEU B 71 -9.80 -2.32 15.21
N GLY B 72 -10.87 -3.11 15.16
CA GLY B 72 -12.20 -2.59 15.49
C GLY B 72 -13.22 -3.59 14.99
N ARG B 73 -14.46 -3.53 15.48
CA ARG B 73 -15.52 -4.45 15.04
C ARG B 73 -16.12 -4.18 13.65
N ASN B 74 -16.00 -2.94 13.21
CA ASN B 74 -16.65 -2.44 11.99
C ASN B 74 -15.61 -1.61 11.25
N SER B 75 -16.07 -0.68 10.42
CA SER B 75 -15.16 0.10 9.59
C SER B 75 -14.22 1.04 10.37
N TYR B 76 -14.68 1.56 11.51
CA TYR B 76 -13.82 2.41 12.34
C TYR B 76 -12.71 1.59 13.02
N LYS B 77 -11.46 1.78 12.61
CA LYS B 77 -10.34 0.98 13.10
C LYS B 77 -9.25 1.87 13.71
N GLU B 78 -8.50 1.35 14.69
CA GLU B 78 -7.44 2.10 15.38
C GLU B 78 -6.33 1.10 15.61
N ARG B 79 -5.10 1.57 15.63
CA ARG B 79 -3.97 0.74 16.02
C ARG B 79 -3.45 1.13 17.40
N TYR B 80 -2.81 0.18 18.06
CA TYR B 80 -1.99 0.42 19.23
C TYR B 80 -0.56 0.61 18.72
N LEU B 81 0.13 1.59 19.25
CA LEU B 81 1.54 1.78 18.90
C LEU B 81 2.36 1.91 20.18
N PHE B 82 3.34 1.03 20.38
CA PHE B 82 4.31 1.22 21.44
C PHE B 82 5.58 1.81 20.82
N LEU B 83 6.09 2.88 21.40
CA LEU B 83 7.42 3.37 21.12
C LEU B 83 8.29 3.13 22.34
N PHE B 84 9.51 2.65 22.13
CA PHE B 84 10.39 2.42 23.26
C PHE B 84 11.84 2.75 22.91
N ARG B 85 12.64 3.12 23.90
CA ARG B 85 14.05 3.35 23.68
C ARG B 85 14.81 2.04 23.90
N PRO B 86 15.41 1.50 22.82
CA PRO B 86 16.11 0.21 22.86
C PRO B 86 17.34 0.17 23.77
N ASN B 87 17.85 1.33 24.16
CA ASN B 87 18.95 1.37 25.09
C ASN B 87 18.46 1.22 26.53
N LYS B 88 17.18 1.44 26.75
CA LYS B 88 16.60 1.35 28.11
C LYS B 88 15.97 -0.02 28.35
N VAL B 89 15.21 -0.46 27.37
CA VAL B 89 14.49 -1.73 27.39
C VAL B 89 14.59 -2.46 26.06
N SER B 90 14.27 -3.75 26.06
CA SER B 90 14.24 -4.58 24.87
C SER B 90 12.96 -5.37 24.80
N VAL B 91 12.41 -5.48 23.60
CA VAL B 91 11.22 -6.27 23.43
C VAL B 91 11.59 -7.72 23.24
N LEU B 92 11.02 -8.57 24.11
CA LEU B 92 11.41 -9.96 24.13
C LEU B 92 10.39 -10.74 23.33
N ASP B 93 9.17 -10.21 23.28
CA ASP B 93 8.08 -10.94 22.69
C ASP B 93 6.81 -10.10 22.66
N THR B 94 5.92 -10.36 21.71
CA THR B 94 4.67 -9.61 21.57
C THR B 94 3.58 -10.53 21.06
N TYR B 95 2.33 -10.19 21.38
CA TYR B 95 1.20 -10.88 20.78
C TYR B 95 -0.09 -10.10 20.94
N GLN B 96 -1.08 -10.49 20.17
CA GLN B 96 -2.40 -9.88 20.23
CA GLN B 96 -2.38 -9.85 20.32
C GLN B 96 -3.36 -10.84 20.91
N TYR B 97 -4.03 -10.39 21.96
CA TYR B 97 -4.95 -11.27 22.66
C TYR B 97 -6.01 -11.79 21.70
N ASP B 98 -6.25 -13.10 21.73
CA ASP B 98 -7.30 -13.65 20.87
C ASP B 98 -8.18 -14.68 21.58
N ASP B 99 -7.79 -15.05 22.79
CA ASP B 99 -8.34 -16.22 23.48
C ASP B 99 -8.63 -17.40 22.56
N GLY B 105 -11.28 -12.83 19.55
CA GLY B 105 -10.83 -11.63 20.25
C GLY B 105 -11.84 -10.49 20.23
N ASN B 106 -12.40 -10.23 19.03
CA ASN B 106 -13.41 -9.18 18.88
C ASN B 106 -14.69 -9.54 19.61
N ASP B 107 -14.77 -10.77 20.14
CA ASP B 107 -15.89 -11.10 21.00
C ASP B 107 -15.79 -10.39 22.35
N SER B 108 -14.59 -10.25 22.87
CA SER B 108 -14.40 -9.64 24.20
C SER B 108 -14.00 -8.18 24.15
N PHE B 109 -13.27 -7.80 23.11
CA PHE B 109 -12.82 -6.40 22.99
C PHE B 109 -13.10 -5.85 21.59
N SER B 110 -13.42 -4.58 21.46
CA SER B 110 -13.53 -4.05 20.11
CA SER B 110 -13.52 -4.00 20.12
C SER B 110 -12.12 -3.86 19.54
N ARG B 111 -11.16 -3.51 20.40
CA ARG B 111 -9.74 -3.42 19.99
C ARG B 111 -8.89 -4.39 20.82
N GLU B 112 -8.73 -5.59 20.29
CA GLU B 112 -8.04 -6.66 21.03
C GLU B 112 -6.67 -6.17 21.59
N PRO B 113 -6.47 -6.28 22.90
CA PRO B 113 -5.22 -5.82 23.50
C PRO B 113 -3.92 -6.34 22.84
N ALA B 114 -2.99 -5.40 22.62
CA ALA B 114 -1.59 -5.73 22.30
C ALA B 114 -0.86 -6.00 23.60
N VAL B 115 -0.06 -7.06 23.64
CA VAL B 115 0.70 -7.43 24.83
C VAL B 115 2.20 -7.50 24.47
N VAL B 116 3.03 -6.76 25.17
CA VAL B 116 4.47 -6.72 24.91
C VAL B 116 5.25 -7.12 26.15
N LYS B 117 6.20 -8.04 26.00
CA LYS B 117 7.12 -8.40 27.08
C LYS B 117 8.39 -7.58 26.92
N PHE B 118 8.78 -6.87 27.97
CA PHE B 118 10.05 -6.15 27.98
C PHE B 118 11.07 -6.75 28.94
N SER B 119 12.35 -6.73 28.56
CA SER B 119 13.34 -6.86 29.60
C SER B 119 13.98 -5.51 29.91
N SER B 120 14.49 -5.35 31.20
CA SER B 120 14.71 -4.00 31.70
C SER B 120 15.77 -4.11 32.79
N HIS B 121 16.98 -3.68 32.44
CA HIS B 121 18.12 -3.94 33.30
C HIS B 121 18.37 -2.79 34.28
N SER B 122 17.76 -1.63 34.00
CA SER B 122 17.93 -0.47 34.88
C SER B 122 17.04 -0.48 36.16
N THR B 123 16.08 -1.50 36.21
CA THR B 123 15.02 -1.44 37.23
C THR B 123 14.99 -2.72 38.11
N LYS B 124 14.32 -2.58 39.32
CA LYS B 124 14.20 -3.80 40.17
C LYS B 124 13.57 -5.00 39.43
N VAL B 125 12.42 -4.80 38.77
CA VAL B 125 11.83 -5.81 37.85
C VAL B 125 12.74 -5.95 36.64
N LYS B 126 12.94 -7.28 36.23
CA LYS B 126 13.86 -7.53 35.11
C LYS B 126 13.09 -7.77 33.82
N GLU B 127 11.93 -8.44 33.93
CA GLU B 127 11.04 -8.68 32.81
C GLU B 127 9.62 -8.40 33.28
N PHE B 128 8.87 -7.71 32.43
CA PHE B 128 7.48 -7.40 32.73
C PHE B 128 6.74 -7.20 31.44
N ALA B 129 5.43 -7.44 31.48
CA ALA B 129 4.60 -7.27 30.31
C ALA B 129 3.74 -6.02 30.43
N ILE B 130 3.48 -5.37 29.31
CA ILE B 130 2.48 -4.31 29.26
C ILE B 130 1.33 -4.75 28.35
N VAL B 131 0.11 -4.68 28.89
CA VAL B 131 -1.12 -4.94 28.16
C VAL B 131 -1.80 -3.62 27.80
N ALA B 132 -2.07 -3.36 26.52
CA ALA B 132 -2.69 -2.11 26.11
C ALA B 132 -4.19 -2.27 25.89
N LEU B 133 -5.00 -1.37 26.42
CA LEU B 133 -6.42 -1.36 26.05
C LEU B 133 -6.96 0.05 25.90
N HIS B 134 -7.58 0.31 24.75
CA HIS B 134 -8.45 1.47 24.60
C HIS B 134 -9.85 0.92 24.52
N SER B 135 -10.61 1.03 25.62
CA SER B 135 -11.89 0.32 25.63
C SER B 135 -12.94 1.05 24.79
N ALA B 136 -13.98 0.33 24.35
CA ALA B 136 -15.17 0.93 23.78
C ALA B 136 -15.98 1.52 24.95
N PRO B 137 -16.22 2.83 24.94
CA PRO B 137 -16.86 3.43 26.13
C PRO B 137 -18.17 2.76 26.53
N SER B 138 -19.02 2.43 25.56
CA SER B 138 -20.30 1.84 25.95
C SER B 138 -20.15 0.41 26.50
N ASP B 139 -18.97 -0.18 26.33
CA ASP B 139 -18.69 -1.53 26.83
C ASP B 139 -17.64 -1.57 27.90
N ALA B 140 -17.37 -0.43 28.54
CA ALA B 140 -16.18 -0.29 29.39
C ALA B 140 -16.15 -1.26 30.58
N VAL B 141 -17.29 -1.42 31.27
CA VAL B 141 -17.32 -2.35 32.39
C VAL B 141 -16.85 -3.75 31.99
N ALA B 142 -17.50 -4.30 30.97
CA ALA B 142 -17.21 -5.65 30.48
C ALA B 142 -15.79 -5.77 29.98
N GLU B 143 -15.30 -4.75 29.26
CA GLU B 143 -13.94 -4.82 28.69
C GLU B 143 -12.89 -4.76 29.78
N ILE B 144 -13.05 -3.86 30.75
CA ILE B 144 -12.11 -3.83 31.89
C ILE B 144 -12.15 -5.11 32.71
N ASN B 145 -13.36 -5.64 32.94
CA ASN B 145 -13.46 -6.93 33.61
C ASN B 145 -12.73 -8.02 32.84
N SER B 146 -12.85 -8.00 31.51
CA SER B 146 -12.13 -8.96 30.66
C SER B 146 -10.61 -8.91 30.73
N LEU B 147 -10.04 -7.76 31.06
CA LEU B 147 -8.60 -7.67 31.20
C LEU B 147 -8.11 -8.66 32.26
N TYR B 148 -8.98 -9.01 33.19
CA TYR B 148 -8.59 -10.04 34.18
C TYR B 148 -8.23 -11.33 33.48
N ASP B 149 -9.02 -11.70 32.48
CA ASP B 149 -8.76 -12.91 31.71
C ASP B 149 -7.48 -12.73 30.85
N VAL B 150 -7.28 -11.53 30.31
CA VAL B 150 -6.04 -11.24 29.59
C VAL B 150 -4.83 -11.46 30.51
N TYR B 151 -4.92 -10.97 31.75
CA TYR B 151 -3.87 -11.16 32.76
C TYR B 151 -3.55 -12.64 32.99
N LEU B 152 -4.59 -13.44 33.14
CA LEU B 152 -4.39 -14.87 33.34
C LEU B 152 -3.66 -15.47 32.16
N ASP B 153 -3.94 -14.97 30.97
CA ASP B 153 -3.35 -15.45 29.71
C ASP B 153 -1.85 -15.21 29.64
N VAL B 154 -1.45 -13.99 29.97
CA VAL B 154 -0.06 -13.58 30.06
C VAL B 154 0.68 -14.46 31.08
N GLN B 155 0.10 -14.60 32.26
CA GLN B 155 0.62 -15.53 33.26
C GLN B 155 0.85 -16.91 32.69
N GLN B 156 -0.17 -17.45 32.04
CA GLN B 156 -0.06 -18.80 31.49
C GLN B 156 0.99 -18.90 30.39
N LYS B 157 0.98 -17.93 29.47
CA LYS B 157 1.86 -17.93 28.30
C LYS B 157 3.32 -17.70 28.62
N TRP B 158 3.57 -16.76 29.52
CA TRP B 158 4.93 -16.30 29.81
C TRP B 158 5.38 -16.61 31.24
N HIS B 159 4.57 -17.34 31.99
CA HIS B 159 4.92 -17.72 33.37
C HIS B 159 5.40 -16.50 34.13
N LEU B 160 4.63 -15.43 33.98
CA LEU B 160 5.05 -14.10 34.35
C LEU B 160 3.89 -13.47 35.13
N ASN B 161 4.16 -13.02 36.36
CA ASN B 161 3.17 -12.32 37.20
C ASN B 161 3.28 -10.78 37.15
N ASP B 162 4.39 -10.29 36.61
CA ASP B 162 4.67 -8.86 36.53
C ASP B 162 4.11 -8.24 35.26
N VAL B 163 2.95 -7.61 35.39
CA VAL B 163 2.17 -7.16 34.25
C VAL B 163 1.59 -5.78 34.55
N MET B 164 1.86 -4.85 33.66
CA MET B 164 1.18 -3.56 33.67
C MET B 164 0.05 -3.49 32.65
N LEU B 165 -1.14 -3.13 33.08
CA LEU B 165 -2.23 -2.98 32.14
C LEU B 165 -2.57 -1.49 32.09
N MET B 166 -2.68 -0.91 30.90
CA MET B 166 -2.81 0.53 30.82
C MET B 166 -3.46 1.03 29.54
N GLY B 167 -3.99 2.25 29.56
CA GLY B 167 -4.64 2.83 28.40
C GLY B 167 -5.86 3.60 28.81
N ASP B 168 -6.59 4.05 27.81
CA ASP B 168 -7.86 4.74 27.97
C ASP B 168 -8.98 3.68 28.15
N PHE B 169 -9.24 3.37 29.42
CA PHE B 169 -10.18 2.34 29.83
C PHE B 169 -11.59 2.94 29.87
N ASN B 170 -11.68 4.26 29.67
CA ASN B 170 -12.92 5.00 29.86
C ASN B 170 -13.52 4.76 31.26
N ALA B 171 -12.67 4.69 32.27
CA ALA B 171 -13.05 4.08 33.53
C ALA B 171 -13.59 5.11 34.50
N ASP B 172 -14.62 5.87 34.11
CA ASP B 172 -15.14 6.83 35.09
C ASP B 172 -16.42 7.42 34.52
N CYS B 173 -17.04 8.31 35.28
CA CYS B 173 -18.13 9.14 34.78
C CYS B 173 -19.31 8.27 34.31
N SER B 174 -19.84 8.46 33.12
CA SER B 174 -21.05 7.71 32.80
C SER B 174 -20.71 6.31 32.29
N TYR B 175 -19.44 6.05 31.97
CA TYR B 175 -19.07 4.73 31.44
C TYR B 175 -18.78 3.65 32.48
N VAL B 176 -18.23 4.07 33.61
CA VAL B 176 -18.11 3.21 34.78
C VAL B 176 -18.54 4.00 36.01
N THR B 177 -19.70 3.66 36.58
CA THR B 177 -20.13 4.38 37.79
C THR B 177 -19.64 3.70 39.05
N SER B 178 -19.74 4.42 40.17
CA SER B 178 -19.27 3.89 41.46
CA SER B 178 -19.33 3.91 41.48
C SER B 178 -19.77 2.47 41.78
N SER B 179 -21.05 2.17 41.51
CA SER B 179 -21.58 0.84 41.87
C SER B 179 -21.09 -0.28 40.95
N GLN B 180 -20.54 0.11 39.80
CA GLN B 180 -20.09 -0.85 38.79
C GLN B 180 -18.68 -1.39 39.02
N TRP B 181 -17.89 -0.78 39.91
CA TRP B 181 -16.56 -1.34 40.17
C TRP B 181 -16.56 -2.75 40.74
N SER B 182 -17.60 -3.09 41.50
CA SER B 182 -17.68 -4.44 42.07
C SER B 182 -17.85 -5.54 41.01
N SER B 183 -18.21 -5.12 39.79
CA SER B 183 -18.38 -6.02 38.64
C SER B 183 -17.08 -6.23 37.84
N ILE B 184 -15.99 -5.59 38.28
CA ILE B 184 -14.74 -5.60 37.52
C ILE B 184 -13.65 -6.32 38.35
N ARG B 185 -13.33 -7.55 37.93
CA ARG B 185 -12.39 -8.39 38.65
C ARG B 185 -11.01 -7.74 38.71
N LEU B 186 -10.68 -6.93 37.69
CA LEU B 186 -9.39 -6.21 37.69
C LEU B 186 -9.31 -5.21 38.84
N ARG B 187 -10.48 -4.82 39.35
CA ARG B 187 -10.54 -3.89 40.48
C ARG B 187 -10.77 -4.67 41.77
N THR B 188 -11.63 -5.69 41.71
CA THR B 188 -11.97 -6.34 42.97
C THR B 188 -10.87 -7.27 43.47
N SER B 189 -10.06 -7.79 42.55
CA SER B 189 -8.97 -8.68 42.92
C SER B 189 -7.83 -7.93 43.60
N SER B 190 -7.34 -8.44 44.73
CA SER B 190 -6.22 -7.79 45.43
C SER B 190 -4.87 -7.96 44.68
N THR B 191 -4.90 -8.72 43.60
CA THR B 191 -3.71 -8.94 42.76
C THR B 191 -3.22 -7.62 42.12
N PHE B 192 -4.14 -6.69 41.91
CA PHE B 192 -3.87 -5.46 41.15
C PHE B 192 -3.82 -4.20 42.02
N GLN B 193 -2.84 -3.34 41.77
CA GLN B 193 -2.83 -2.00 42.35
C GLN B 193 -3.20 -1.04 41.26
N TRP B 194 -4.16 -0.16 41.57
CA TRP B 194 -4.60 0.85 40.60
C TRP B 194 -3.84 2.14 40.90
N LEU B 195 -2.91 2.51 40.02
CA LEU B 195 -1.99 3.61 40.30
C LEU B 195 -2.53 5.01 39.99
N ILE B 196 -3.42 5.11 39.01
CA ILE B 196 -4.18 6.30 38.71
C ILE B 196 -5.52 6.15 39.44
N PRO B 197 -5.77 7.01 40.42
CA PRO B 197 -6.94 6.89 41.30
C PRO B 197 -8.19 7.39 40.60
N ASP B 198 -9.38 7.07 41.12
CA ASP B 198 -10.64 7.49 40.53
C ASP B 198 -10.81 9.00 40.57
N SER B 199 -10.05 9.66 41.43
CA SER B 199 -10.08 11.11 41.60
C SER B 199 -9.33 11.93 40.52
N ALA B 200 -8.50 11.27 39.73
CA ALA B 200 -7.61 11.97 38.78
C ALA B 200 -8.41 12.43 37.58
N ASP B 201 -7.97 13.53 36.98
CA ASP B 201 -8.58 14.03 35.73
C ASP B 201 -7.62 13.72 34.58
N THR B 202 -8.01 12.82 33.68
CA THR B 202 -7.13 12.45 32.56
C THR B 202 -7.64 13.03 31.24
N THR B 203 -8.63 13.92 31.31
CA THR B 203 -9.10 14.61 30.10
C THR B 203 -8.61 16.03 29.97
N ALA B 204 -8.21 16.42 28.75
CA ALA B 204 -7.76 17.78 28.48
C ALA B 204 -8.97 18.71 28.34
N THR B 205 -10.16 18.13 28.19
CA THR B 205 -11.36 18.92 28.07
C THR B 205 -11.86 19.26 29.46
N SER B 206 -12.93 20.03 29.54
CA SER B 206 -13.57 20.40 30.80
C SER B 206 -14.30 19.33 31.62
N THR B 207 -14.31 18.09 31.16
CA THR B 207 -14.84 17.03 32.01
C THR B 207 -13.81 16.67 33.06
N ASN B 208 -14.26 16.09 34.17
CA ASN B 208 -13.36 15.65 35.21
C ASN B 208 -13.48 14.14 35.38
N CYS B 209 -12.67 13.38 34.63
CA CYS B 209 -12.86 11.94 34.51
C CYS B 209 -11.51 11.22 34.53
N ALA B 210 -11.42 10.16 35.34
CA ALA B 210 -10.27 9.25 35.37
C ALA B 210 -10.43 8.15 34.31
N TYR B 211 -10.49 8.56 33.04
CA TYR B 211 -10.72 7.56 31.96
C TYR B 211 -9.45 6.69 31.76
N ASP B 212 -8.30 7.33 31.81
CA ASP B 212 -7.00 6.68 31.51
C ASP B 212 -6.39 6.08 32.77
N ARG B 213 -5.88 4.85 32.68
CA ARG B 213 -5.51 4.15 33.90
C ARG B 213 -4.20 3.36 33.75
N ILE B 214 -3.54 3.08 34.87
CA ILE B 214 -2.35 2.25 34.89
C ILE B 214 -2.60 1.28 36.04
N VAL B 215 -2.61 -0.02 35.75
CA VAL B 215 -2.82 -1.05 36.78
C VAL B 215 -1.60 -1.97 36.83
N VAL B 216 -1.10 -2.32 38.01
CA VAL B 216 0.06 -3.20 38.11
C VAL B 216 -0.17 -4.44 38.95
N ALA B 217 0.28 -5.57 38.41
CA ALA B 217 0.24 -6.86 39.09
C ALA B 217 1.65 -7.43 39.18
N GLY B 218 1.91 -8.21 40.23
CA GLY B 218 3.18 -8.86 40.49
C GLY B 218 4.01 -8.12 41.52
N SER B 219 4.52 -8.87 42.52
CA SER B 219 5.33 -8.31 43.59
C SER B 219 6.47 -7.38 43.17
N LEU B 220 7.39 -7.89 42.34
CA LEU B 220 8.56 -7.13 41.90
C LEU B 220 8.15 -5.83 41.20
N LEU B 221 7.19 -5.92 40.27
CA LEU B 221 6.74 -4.76 39.52
C LEU B 221 6.15 -3.71 40.45
N GLN B 222 5.29 -4.15 41.36
CA GLN B 222 4.67 -3.21 42.27
C GLN B 222 5.74 -2.55 43.11
N SER B 223 6.73 -3.32 43.54
CA SER B 223 7.87 -2.76 44.28
C SER B 223 8.81 -1.86 43.46
N SER B 224 8.85 -1.98 42.13
CA SER B 224 9.63 -1.06 41.30
C SER B 224 8.96 0.31 41.12
N VAL B 225 7.65 0.38 41.32
CA VAL B 225 6.97 1.65 41.09
C VAL B 225 7.53 2.67 42.07
N VAL B 226 7.83 3.87 41.59
CA VAL B 226 8.16 4.95 42.52
C VAL B 226 6.84 5.46 43.13
N PRO B 227 6.68 5.31 44.45
CA PRO B 227 5.38 5.73 45.01
C PRO B 227 5.13 7.20 44.70
N GLY B 228 3.91 7.54 44.32
CA GLY B 228 3.54 8.92 44.03
C GLY B 228 3.80 9.41 42.61
N SER B 229 4.69 8.70 41.90
CA SER B 229 5.03 9.02 40.51
C SER B 229 3.93 8.82 39.47
N ALA B 230 2.92 7.97 39.75
CA ALA B 230 1.88 7.74 38.74
C ALA B 230 0.86 8.88 38.73
N ALA B 231 0.62 9.48 37.58
CA ALA B 231 -0.27 10.64 37.50
C ALA B 231 -0.52 10.98 36.05
N PRO B 232 -1.60 11.75 35.79
CA PRO B 232 -1.77 12.29 34.46
C PRO B 232 -0.74 13.37 34.18
N PHE B 233 -0.29 13.51 32.94
CA PHE B 233 0.62 14.60 32.59
C PHE B 233 -0.20 15.70 31.93
N ASP B 234 -0.43 16.78 32.66
CA ASP B 234 -1.23 17.91 32.16
C ASP B 234 -0.34 18.79 31.27
N PHE B 235 -0.30 18.47 29.97
CA PHE B 235 0.61 19.15 29.03
C PHE B 235 0.19 20.59 28.73
N GLN B 236 -1.08 20.92 28.91
CA GLN B 236 -1.51 22.33 28.82
C GLN B 236 -0.76 23.19 29.84
N ALA B 237 -0.73 22.74 31.09
CA ALA B 237 0.02 23.39 32.16
C ALA B 237 1.52 23.26 31.95
N ALA B 238 1.97 22.05 31.65
CA ALA B 238 3.40 21.79 31.48
C ALA B 238 4.02 22.73 30.45
N TYR B 239 3.31 22.94 29.35
CA TYR B 239 3.87 23.70 28.23
C TYR B 239 3.29 25.11 28.10
N GLY B 240 2.47 25.53 29.06
CA GLY B 240 1.90 26.87 29.05
C GLY B 240 1.05 27.14 27.82
N LEU B 241 0.24 26.16 27.45
CA LEU B 241 -0.60 26.22 26.26
C LEU B 241 -1.96 26.84 26.51
N SER B 242 -2.57 27.40 25.47
CA SER B 242 -3.98 27.74 25.56
C SER B 242 -4.78 26.42 25.55
N ASN B 243 -6.00 26.45 26.09
CA ASN B 243 -6.82 25.23 26.08
C ASN B 243 -7.09 24.77 24.66
N GLU B 244 -7.29 25.72 23.76
CA GLU B 244 -7.49 25.42 22.34
C GLU B 244 -6.30 24.70 21.70
N MET B 245 -5.08 25.14 21.97
CA MET B 245 -3.90 24.41 21.49
C MET B 245 -3.84 23.04 22.16
N ALA B 246 -4.09 23.00 23.46
CA ALA B 246 -4.13 21.74 24.19
C ALA B 246 -5.06 20.74 23.51
N LEU B 247 -6.30 21.15 23.21
CA LEU B 247 -7.26 20.19 22.63
C LEU B 247 -6.93 19.79 21.20
N ALA B 248 -6.22 20.66 20.51
CA ALA B 248 -5.79 20.32 19.15
C ALA B 248 -4.76 19.20 19.16
N ILE B 249 -4.03 19.09 20.27
CA ILE B 249 -3.12 17.96 20.51
C ILE B 249 -3.91 16.69 20.85
N SER B 250 -4.70 16.74 21.92
CA SER B 250 -5.58 15.63 22.25
C SER B 250 -6.69 16.05 23.22
N ASP B 251 -7.76 15.27 23.28
CA ASP B 251 -8.72 15.47 24.37
C ASP B 251 -8.37 14.70 25.66
N HIS B 252 -7.27 13.95 25.64
CA HIS B 252 -6.78 13.26 26.84
C HIS B 252 -5.39 13.68 27.22
N TYR B 253 -5.04 13.56 28.50
CA TYR B 253 -3.65 13.61 28.93
C TYR B 253 -3.08 12.20 28.92
N PRO B 254 -1.76 12.10 28.68
CA PRO B 254 -1.00 10.88 28.97
C PRO B 254 -1.16 10.55 30.47
N VAL B 255 -1.18 9.27 30.81
CA VAL B 255 -0.95 8.89 32.21
C VAL B 255 0.41 8.20 32.27
N GLU B 256 1.20 8.57 33.26
CA GLU B 256 2.59 8.12 33.38
C GLU B 256 2.90 7.49 34.73
N VAL B 257 4.02 6.76 34.78
CA VAL B 257 4.51 6.12 36.00
C VAL B 257 6.03 5.95 35.83
N THR B 258 6.76 5.97 36.93
CA THR B 258 8.19 5.74 36.87
C THR B 258 8.52 4.46 37.64
N LEU B 259 9.36 3.63 37.03
CA LEU B 259 10.00 2.54 37.79
C LEU B 259 11.42 2.87 38.17
N THR B 260 11.78 2.40 39.36
CA THR B 260 13.07 2.60 40.02
C THR B 260 13.75 1.23 39.96
#